data_2PLY
#
_entry.id   2PLY
#
_cell.length_a   158.640
_cell.length_b   120.838
_cell.length_c   50.865
_cell.angle_alpha   90.00
_cell.angle_beta   100.18
_cell.angle_gamma   90.00
#
_symmetry.space_group_name_H-M   'C 1 2 1'
#
loop_
_entity.id
_entity.type
_entity.pdbx_description
1 polymer "RNA (5'-R(*GP*GP*CP*GP*UP*UP*GP*CP*CP*GP*GP*UP*CP*UP*GP*GP*CP*AP*AP*CP*GP*CP*C)-3')"
2 polymer 'Selenocysteine-specific elongation factor'
3 non-polymer 'MAGNESIUM ION'
4 non-polymer 'SODIUM ION'
5 non-polymer 'CALCIUM ION'
6 non-polymer 'CHLORIDE ION'
7 water water
#
loop_
_entity_poly.entity_id
_entity_poly.type
_entity_poly.pdbx_seq_one_letter_code
_entity_poly.pdbx_strand_id
1 'polyribonucleotide' GGCGUUGCCGGUCUGGCAACGCC C,E
2 'polypeptide(L)'
;GSPEKILAQIIQEHREGLDWQEAATRASLSLEETRKLLQSMAAAGQVTLLRVENDLYAISTERYQAWWQAVTRALEEFHS
RYPLRPGLAREELRSRYFSRLPARVYQALLEEWSREGRLQLAANTVALAGFTPSFSETQKKLLKDLEDKYRVSRWQPPWV
KEVAGSFNLDPSELEELLHYLVREGVLVKINDEFYWHRQALGEAREVIKNLASTGPFGLAEARDALGSSRKYVLPLLEYL
DQVKFTRRVGDKRVVVGN
;
A,B
#
loop_
_chem_comp.id
_chem_comp.type
_chem_comp.name
_chem_comp.formula
A RNA linking ADENOSINE-5'-MONOPHOSPHATE 'C10 H14 N5 O7 P'
C RNA linking CYTIDINE-5'-MONOPHOSPHATE 'C9 H14 N3 O8 P'
CA non-polymer 'CALCIUM ION' 'Ca 2'
CL non-polymer 'CHLORIDE ION' 'Cl -1'
G RNA linking GUANOSINE-5'-MONOPHOSPHATE 'C10 H14 N5 O8 P'
MG non-polymer 'MAGNESIUM ION' 'Mg 2'
NA non-polymer 'SODIUM ION' 'Na 1'
U RNA linking URIDINE-5'-MONOPHOSPHATE 'C9 H13 N2 O9 P'
#
# COMPACT_ATOMS: atom_id res chain seq x y z
N GLU C 16 -27.45 24.18 25.49
CA GLU C 16 -26.16 24.76 25.64
C GLU C 16 -25.87 25.39 24.30
N GLY C 17 -25.39 26.61 24.30
CA GLY C 17 -25.58 27.63 25.34
C GLY C 17 -25.61 28.94 24.55
N LEU C 18 -25.47 30.07 25.19
CA LEU C 18 -25.48 31.31 24.43
C LEU C 18 -24.20 32.05 24.58
N ASP C 19 -24.13 33.25 24.01
CA ASP C 19 -22.90 33.75 23.42
C ASP C 19 -22.84 35.26 23.49
N VAL C 47 -24.22 31.67 36.30
CA VAL C 47 -23.84 31.13 34.99
C VAL C 47 -22.36 30.72 35.01
N THR C 48 -22.05 29.67 34.26
CA THR C 48 -20.67 29.34 33.95
C THR C 48 -20.34 30.08 32.66
N LEU C 49 -19.19 30.75 32.63
CA LEU C 49 -18.78 31.52 31.47
C LEU C 49 -17.56 30.91 30.81
N LEU C 50 -17.48 31.02 29.49
CA LEU C 50 -16.34 30.52 28.73
C LEU C 50 -15.57 31.66 28.06
N ARG C 51 -14.90 31.34 26.97
CA ARG C 51 -13.61 31.96 26.65
C ARG C 51 -13.35 31.96 25.14
N VAL C 52 -14.09 31.11 24.43
CA VAL C 52 -13.67 30.67 23.10
C VAL C 52 -12.65 31.63 22.50
N ASP C 55 -17.73 35.54 21.68
CA ASP C 55 -16.36 35.47 22.16
C ASP C 55 -16.30 35.12 23.63
N LEU C 56 -17.33 35.48 24.38
CA LEU C 56 -17.68 34.79 25.61
C LEU C 56 -18.88 33.87 25.42
N TYR C 57 -19.20 33.10 26.45
CA TYR C 57 -20.11 31.99 26.30
C TYR C 57 -20.71 31.67 27.66
N ALA C 58 -21.95 32.10 27.84
CA ALA C 58 -22.67 31.66 29.00
C ALA C 58 -23.08 30.20 28.72
N ILE C 59 -22.93 29.38 29.75
CA ILE C 59 -23.65 28.14 29.81
C ILE C 59 -24.22 27.99 31.25
N SER C 60 -25.49 27.68 31.33
CA SER C 60 -26.17 27.67 32.62
C SER C 60 -25.51 26.68 33.59
N THR C 61 -24.63 27.16 34.47
CA THR C 61 -23.92 26.27 35.39
C THR C 61 -24.66 24.95 35.60
N GLU C 62 -25.99 25.02 35.71
CA GLU C 62 -26.88 23.84 35.67
C GLU C 62 -26.33 22.71 34.76
N ARG C 63 -26.14 23.04 33.47
CA ARG C 63 -25.81 22.07 32.44
C ARG C 63 -24.31 21.96 32.07
N TYR C 64 -23.52 22.91 32.55
CA TYR C 64 -22.06 22.82 32.54
C TYR C 64 -21.57 21.72 33.47
N GLN C 65 -22.20 21.55 34.63
CA GLN C 65 -21.76 20.50 35.54
C GLN C 65 -22.36 19.13 35.18
N ALA C 66 -23.47 19.14 34.45
CA ALA C 66 -23.99 17.92 33.80
C ALA C 66 -23.07 17.48 32.66
N TRP C 67 -22.61 18.44 31.86
CA TRP C 67 -21.63 18.19 30.84
C TRP C 67 -20.39 17.47 31.38
N TRP C 68 -19.90 17.91 32.55
CA TRP C 68 -18.68 17.32 33.08
C TRP C 68 -19.02 16.05 33.81
N GLN C 69 -20.29 15.92 34.18
CA GLN C 69 -20.73 14.73 34.88
C GLN C 69 -20.62 13.52 33.96
N ALA C 70 -21.15 13.67 32.75
CA ALA C 70 -21.09 12.65 31.73
C ALA C 70 -19.63 12.33 31.34
N VAL C 71 -18.85 13.37 31.02
CA VAL C 71 -17.46 13.14 30.69
C VAL C 71 -16.74 12.20 31.68
N THR C 72 -16.87 12.44 32.99
CA THR C 72 -16.24 11.52 33.97
C THR C 72 -16.70 10.07 33.84
N ARG C 73 -18.00 9.88 33.58
CA ARG C 73 -18.58 8.53 33.43
C ARG C 73 -18.02 7.78 32.22
N ALA C 74 -18.16 8.42 31.05
CA ALA C 74 -17.62 7.92 29.79
C ALA C 74 -16.18 7.48 29.96
N LEU C 75 -15.34 8.43 30.41
CA LEU C 75 -13.92 8.18 30.57
C LEU C 75 -13.60 7.10 31.58
N GLU C 76 -14.36 7.00 32.67
CA GLU C 76 -14.10 5.92 33.66
C GLU C 76 -14.41 4.58 33.04
N GLU C 77 -15.52 4.49 32.33
CA GLU C 77 -15.89 3.24 31.71
C GLU C 77 -14.81 2.83 30.73
N PHE C 78 -14.41 3.79 29.90
CA PHE C 78 -13.45 3.56 28.85
C PHE C 78 -12.11 3.13 29.43
N HIS C 79 -11.55 3.89 30.37
CA HIS C 79 -10.29 3.48 30.96
C HIS C 79 -10.36 2.14 31.59
N SER C 80 -11.49 1.90 32.24
CA SER C 80 -11.75 0.65 32.86
C SER C 80 -11.74 -0.55 31.88
N ARG C 81 -12.31 -0.40 30.68
CA ARG C 81 -12.43 -1.48 29.68
C ARG C 81 -11.15 -1.55 28.87
N TYR C 82 -10.55 -0.37 28.60
CA TYR C 82 -9.37 -0.31 27.73
C TYR C 82 -8.08 0.12 28.43
N PRO C 83 -7.60 -0.67 29.43
CA PRO C 83 -6.41 -0.16 30.17
C PRO C 83 -5.14 0.00 29.35
N LEU C 84 -5.11 -0.54 28.12
CA LEU C 84 -3.97 -0.40 27.21
C LEU C 84 -4.29 0.53 26.01
N ARG C 85 -5.20 1.46 26.18
CA ARG C 85 -5.50 2.35 25.12
C ARG C 85 -5.26 3.73 25.74
N PRO C 86 -4.88 4.74 24.94
CA PRO C 86 -4.53 5.98 25.66
C PRO C 86 -5.71 6.80 26.11
N GLY C 87 -6.90 6.55 25.57
CA GLY C 87 -8.08 7.34 25.94
C GLY C 87 -9.17 7.32 24.87
N LEU C 88 -10.29 8.00 25.14
CA LEU C 88 -11.48 8.00 24.28
C LEU C 88 -11.15 8.89 23.13
N ALA C 89 -11.46 8.51 21.91
CA ALA C 89 -11.17 9.39 20.78
C ALA C 89 -11.96 10.67 21.00
N ARG C 90 -11.36 11.82 20.69
CA ARG C 90 -12.07 13.11 20.76
C ARG C 90 -13.43 13.19 20.04
N GLU C 91 -13.47 12.71 18.80
CA GLU C 91 -14.66 12.78 17.99
C GLU C 91 -15.70 11.81 18.50
N GLU C 92 -15.25 10.69 19.07
CA GLU C 92 -16.19 9.81 19.74
C GLU C 92 -16.82 10.60 20.88
N LEU C 93 -15.99 11.19 21.77
CA LEU C 93 -16.55 12.01 22.88
C LEU C 93 -17.54 13.08 22.36
N ARG C 94 -17.11 13.91 21.43
CA ARG C 94 -18.01 14.89 20.85
C ARG C 94 -19.31 14.27 20.31
N SER C 95 -19.22 13.45 19.26
CA SER C 95 -20.40 12.82 18.67
C SER C 95 -21.34 12.24 19.73
N ARG C 96 -20.76 11.73 20.80
CA ARG C 96 -21.54 11.06 21.83
C ARG C 96 -22.29 12.06 22.69
N TYR C 97 -21.69 13.19 23.03
CA TYR C 97 -22.30 14.06 24.03
C TYR C 97 -22.35 15.54 23.69
N PHE C 98 -21.88 15.92 22.52
CA PHE C 98 -21.59 17.32 22.27
C PHE C 98 -21.79 17.68 20.82
N SER C 99 -22.50 16.82 20.07
CA SER C 99 -22.80 17.12 18.67
C SER C 99 -23.62 18.39 18.65
N ARG C 100 -24.51 18.50 19.63
CA ARG C 100 -25.26 19.72 19.92
C ARG C 100 -24.42 20.99 19.70
N LEU C 101 -23.35 21.17 20.49
CA LEU C 101 -22.60 22.43 20.48
C LEU C 101 -21.47 22.49 19.43
N PRO C 102 -21.15 23.68 18.91
CA PRO C 102 -20.22 23.82 17.76
C PRO C 102 -18.76 23.49 18.06
N ALA C 103 -18.04 23.06 17.02
CA ALA C 103 -16.70 22.49 17.13
C ALA C 103 -15.70 23.33 17.94
N ARG C 104 -15.73 24.65 17.74
CA ARG C 104 -14.74 25.54 18.34
C ARG C 104 -15.04 25.84 19.80
N VAL C 105 -16.26 25.55 20.23
CA VAL C 105 -16.62 25.67 21.65
C VAL C 105 -16.26 24.38 22.42
N TYR C 106 -16.58 23.22 21.83
CA TYR C 106 -16.12 21.92 22.31
C TYR C 106 -14.60 21.95 22.54
N GLN C 107 -13.82 22.44 21.57
CA GLN C 107 -12.37 22.56 21.77
C GLN C 107 -12.08 23.25 23.09
N ALA C 108 -12.77 24.37 23.35
CA ALA C 108 -12.46 25.21 24.50
C ALA C 108 -12.86 24.56 25.79
N LEU C 109 -13.87 23.69 25.71
CA LEU C 109 -14.39 23.01 26.88
C LEU C 109 -13.35 21.97 27.35
N LEU C 110 -12.74 21.28 26.38
CA LEU C 110 -11.64 20.37 26.65
C LEU C 110 -10.43 21.14 27.16
N GLU C 111 -10.14 22.25 26.50
CA GLU C 111 -8.99 23.11 26.80
C GLU C 111 -8.98 23.62 28.24
N GLU C 112 -10.16 23.97 28.72
CA GLU C 112 -10.36 24.48 30.08
C GLU C 112 -10.20 23.40 31.14
N TRP C 113 -10.74 22.22 30.86
CA TRP C 113 -10.69 21.13 31.82
C TRP C 113 -9.30 20.59 32.00
N SER C 114 -8.54 20.58 30.90
CA SER C 114 -7.12 20.22 30.99
C SER C 114 -6.42 21.24 31.88
N ARG C 115 -6.66 22.52 31.59
CA ARG C 115 -6.17 23.66 32.38
C ARG C 115 -6.48 23.53 33.89
N GLU C 116 -7.69 23.13 34.23
CA GLU C 116 -8.07 22.84 35.64
C GLU C 116 -7.42 21.58 36.20
N GLY C 117 -6.53 20.93 35.42
CA GLY C 117 -5.89 19.67 35.85
C GLY C 117 -6.80 18.44 35.95
N ARG C 118 -8.01 18.57 35.40
CA ARG C 118 -9.00 17.50 35.29
C ARG C 118 -8.76 16.48 34.12
N LEU C 119 -8.41 16.93 32.92
CA LEU C 119 -8.16 16.03 31.77
C LEU C 119 -6.70 15.99 31.26
N GLN C 120 -6.25 14.85 30.73
CA GLN C 120 -5.00 14.82 29.97
C GLN C 120 -5.37 14.75 28.52
N LEU C 121 -4.97 15.73 27.72
CA LEU C 121 -5.27 15.77 26.28
C LEU C 121 -4.17 15.26 25.37
N ALA C 122 -4.54 14.44 24.39
CA ALA C 122 -3.60 14.06 23.33
C ALA C 122 -4.10 14.55 21.98
N ALA C 123 -3.23 14.41 20.99
CA ALA C 123 -3.51 14.94 19.69
C ALA C 123 -4.84 14.39 19.30
N ASN C 124 -5.16 13.17 19.68
CA ASN C 124 -6.45 12.72 19.21
C ASN C 124 -7.30 11.88 20.16
N THR C 125 -6.94 11.87 21.45
CA THR C 125 -7.75 11.25 22.46
C THR C 125 -7.76 12.09 23.75
N VAL C 126 -8.77 11.90 24.57
CA VAL C 126 -8.83 12.49 25.90
C VAL C 126 -8.74 11.38 26.99
N ALA C 127 -8.06 11.65 28.10
CA ALA C 127 -8.06 10.78 29.29
C ALA C 127 -8.13 11.65 30.60
N LEU C 128 -8.59 11.03 31.69
CA LEU C 128 -8.64 11.59 33.04
C LEU C 128 -7.23 11.72 33.67
N ALA C 129 -7.08 12.75 34.52
CA ALA C 129 -5.81 13.23 35.05
C ALA C 129 -4.76 12.21 35.44
N GLY C 130 -5.13 11.20 36.22
CA GLY C 130 -4.14 10.27 36.70
C GLY C 130 -4.18 8.93 36.02
N PHE C 131 -4.92 8.82 34.90
CA PHE C 131 -4.98 7.56 34.14
C PHE C 131 -3.58 7.15 33.65
N THR C 132 -3.28 5.86 33.72
CA THR C 132 -1.98 5.36 33.31
C THR C 132 -2.20 4.01 32.69
N PRO C 133 -1.84 3.84 31.40
CA PRO C 133 -2.12 2.54 30.79
C PRO C 133 -1.27 1.55 31.46
N SER C 134 -1.76 0.34 31.69
CA SER C 134 -0.99 -0.66 32.41
C SER C 134 -0.04 -1.52 31.60
N PHE C 135 0.90 -0.93 30.90
CA PHE C 135 1.92 -1.70 30.25
C PHE C 135 2.99 -2.03 31.29
N SER C 136 3.85 -2.98 30.99
CA SER C 136 4.93 -3.31 31.87
C SER C 136 5.85 -2.15 31.94
N GLU C 137 6.74 -2.13 32.91
CA GLU C 137 7.61 -0.97 33.07
C GLU C 137 8.58 -0.92 31.90
N THR C 138 8.96 -2.10 31.38
CA THR C 138 9.76 -2.24 30.17
C THR C 138 9.02 -1.67 28.97
N GLN C 139 7.69 -1.79 28.94
CA GLN C 139 6.94 -1.35 27.77
C GLN C 139 6.74 0.13 27.81
N LYS C 140 6.68 0.67 29.04
CA LYS C 140 6.50 2.10 29.25
C LYS C 140 7.74 2.75 28.73
N LYS C 141 8.89 2.11 28.91
CA LYS C 141 10.13 2.73 28.45
C LYS C 141 10.18 2.71 26.93
N LEU C 142 9.84 1.54 26.37
CA LEU C 142 9.74 1.37 24.94
C LEU C 142 8.85 2.43 24.27
N LEU C 143 7.73 2.80 24.92
CA LEU C 143 6.85 3.83 24.36
C LEU C 143 7.52 5.18 24.27
N LYS C 144 8.37 5.46 25.26
CA LYS C 144 9.13 6.69 25.33
C LYS C 144 10.16 6.68 24.20
N ASP C 145 10.88 5.55 24.08
CA ASP C 145 11.97 5.43 23.12
C ASP C 145 11.48 5.39 21.65
N LEU C 146 10.47 4.57 21.34
CA LEU C 146 9.78 4.64 20.05
C LEU C 146 9.38 6.06 19.72
N GLU C 147 8.70 6.76 20.61
CA GLU C 147 8.39 8.14 20.29
C GLU C 147 9.61 8.99 19.90
N ASP C 148 10.70 8.80 20.64
CA ASP C 148 11.91 9.59 20.47
C ASP C 148 12.57 9.26 19.15
N LYS C 149 12.65 7.97 18.83
CA LYS C 149 13.28 7.58 17.57
C LYS C 149 12.55 8.27 16.42
N TYR C 150 11.21 8.29 16.48
CA TYR C 150 10.43 8.86 15.40
C TYR C 150 10.54 10.39 15.39
N ARG C 151 10.63 11.00 16.57
CA ARG C 151 10.75 12.47 16.66
C ARG C 151 12.03 12.94 16.08
N VAL C 152 13.11 12.26 16.47
CA VAL C 152 14.46 12.69 16.09
C VAL C 152 14.68 12.39 14.62
N SER C 153 14.27 11.20 14.20
CA SER C 153 14.28 10.90 12.74
C SER C 153 13.47 11.83 11.83
N ARG C 154 12.39 12.42 12.38
CA ARG C 154 11.68 13.49 11.67
C ARG C 154 11.20 13.12 10.24
N TRP C 155 11.58 13.92 9.27
CA TRP C 155 11.37 13.64 7.85
C TRP C 155 12.17 12.42 7.25
N GLN C 156 12.93 11.65 7.87
CA GLN C 156 13.45 10.52 7.44
C GLN C 156 13.34 9.49 8.45
N PRO C 157 12.17 8.96 8.74
CA PRO C 157 11.87 7.92 9.70
C PRO C 157 12.40 6.61 9.23
N PRO C 158 12.73 5.70 10.17
CA PRO C 158 13.21 4.38 9.84
C PRO C 158 12.04 3.53 9.33
N TRP C 159 12.28 2.37 8.71
CA TRP C 159 11.16 1.43 8.65
C TRP C 159 10.93 0.58 9.89
N VAL C 160 9.69 0.18 10.05
CA VAL C 160 9.25 -0.75 11.05
C VAL C 160 10.25 -1.89 11.17
N LYS C 161 10.67 -2.45 10.04
CA LYS C 161 11.68 -3.50 9.98
C LYS C 161 12.90 -3.15 10.81
N GLU C 162 13.50 -2.00 10.47
CA GLU C 162 14.67 -1.51 11.18
C GLU C 162 14.39 -1.38 12.68
N VAL C 163 13.25 -0.79 13.02
CA VAL C 163 12.89 -0.55 14.41
C VAL C 163 12.86 -1.84 15.20
N ALA C 164 12.10 -2.82 14.70
CA ALA C 164 12.01 -4.13 15.35
C ALA C 164 13.41 -4.79 15.54
N GLY C 165 14.35 -4.53 14.63
CA GLY C 165 15.68 -5.12 14.73
C GLY C 165 16.34 -4.40 15.87
N SER C 166 16.23 -3.09 15.83
CA SER C 166 17.06 -2.33 16.69
C SER C 166 16.50 -2.32 18.13
N PHE C 167 15.21 -2.58 18.31
CA PHE C 167 14.62 -2.64 19.65
C PHE C 167 14.48 -4.11 20.11
N ASN C 168 14.72 -5.01 19.17
CA ASN C 168 14.76 -6.45 19.41
C ASN C 168 13.39 -7.04 19.82
N LEU C 169 12.40 -6.71 18.99
CA LEU C 169 11.02 -6.88 19.34
C LEU C 169 10.33 -7.79 18.36
N ASP C 170 9.52 -8.74 18.85
CA ASP C 170 8.45 -9.35 18.05
C ASP C 170 7.74 -8.28 17.23
N PRO C 171 7.39 -8.64 15.99
CA PRO C 171 6.45 -7.84 15.19
C PRO C 171 5.15 -7.54 16.00
N SER C 172 4.70 -8.54 16.73
CA SER C 172 3.46 -8.47 17.46
C SER C 172 3.48 -7.52 18.70
N GLU C 173 4.54 -7.58 19.48
CA GLU C 173 4.73 -6.63 20.57
C GLU C 173 5.00 -5.26 20.01
N LEU C 174 5.75 -5.18 18.91
CA LEU C 174 5.89 -3.87 18.25
C LEU C 174 4.52 -3.37 17.74
N GLU C 175 3.68 -4.25 17.16
CA GLU C 175 2.38 -3.80 16.66
C GLU C 175 1.54 -3.21 17.77
N GLU C 176 1.49 -3.88 18.93
CA GLU C 176 0.77 -3.31 20.07
C GLU C 176 1.22 -1.86 20.41
N LEU C 177 2.53 -1.63 20.44
CA LEU C 177 3.06 -0.32 20.85
C LEU C 177 2.87 0.69 19.75
N LEU C 178 3.13 0.29 18.50
CA LEU C 178 2.88 1.26 17.42
C LEU C 178 1.40 1.64 17.39
N HIS C 179 0.55 0.67 17.68
CA HIS C 179 -0.87 0.87 17.56
C HIS C 179 -1.43 1.90 18.56
N TYR C 180 -0.93 1.84 19.79
CA TYR C 180 -1.30 2.70 20.88
C TYR C 180 -0.75 4.07 20.50
N LEU C 181 0.50 4.15 20.05
CA LEU C 181 1.00 5.49 19.64
C LEU C 181 0.13 6.12 18.51
N VAL C 182 -0.37 5.27 17.61
CA VAL C 182 -1.30 5.74 16.59
C VAL C 182 -2.67 6.12 17.16
N ARG C 183 -3.29 5.29 17.97
CA ARG C 183 -4.52 5.74 18.67
C ARG C 183 -4.31 7.08 19.29
N GLU C 184 -3.15 7.27 19.94
CA GLU C 184 -2.98 8.43 20.76
C GLU C 184 -2.79 9.65 19.90
N GLY C 185 -2.16 9.48 18.74
CA GLY C 185 -1.98 10.57 17.78
C GLY C 185 -0.57 11.08 17.74
N VAL C 186 0.33 10.38 18.43
CA VAL C 186 1.76 10.70 18.49
C VAL C 186 2.51 10.31 17.19
N LEU C 187 2.16 9.16 16.59
CA LEU C 187 2.68 8.77 15.29
C LEU C 187 1.49 8.67 14.33
N VAL C 188 1.77 8.82 13.04
CA VAL C 188 0.74 8.75 12.00
C VAL C 188 1.25 7.80 10.95
N LYS C 189 0.40 6.93 10.43
CA LYS C 189 0.88 5.87 9.57
C LYS C 189 0.92 6.34 8.13
N ILE C 190 2.09 6.56 7.56
CA ILE C 190 2.12 6.98 6.17
C ILE C 190 1.88 5.83 5.14
N ASN C 191 2.52 4.67 5.34
CA ASN C 191 2.31 3.44 4.52
C ASN C 191 2.82 2.23 5.30
N ASP C 192 2.82 1.02 4.76
CA ASP C 192 3.10 -0.18 5.61
C ASP C 192 4.45 -0.18 6.31
N GLU C 193 5.41 0.64 5.88
CA GLU C 193 6.68 0.64 6.58
C GLU C 193 7.14 2.00 7.21
N PHE C 194 6.40 3.08 6.94
CA PHE C 194 6.75 4.39 7.37
C PHE C 194 5.68 4.95 8.29
N TYR C 195 6.05 5.18 9.54
CA TYR C 195 5.29 6.05 10.40
C TYR C 195 6.07 7.36 10.51
N TRP C 196 5.37 8.47 10.83
CA TRP C 196 5.95 9.80 10.97
C TRP C 196 5.54 10.31 12.31
N HIS C 197 6.37 11.09 12.98
CA HIS C 197 5.95 11.60 14.28
C HIS C 197 4.98 12.69 13.92
N ARG C 198 4.03 13.04 14.78
CA ARG C 198 3.09 14.10 14.40
C ARG C 198 3.67 15.53 14.22
N GLN C 199 4.68 15.90 14.98
CA GLN C 199 5.40 17.15 14.81
C GLN C 199 6.08 17.20 13.39
N ALA C 200 6.74 16.11 13.01
CA ALA C 200 7.38 16.04 11.72
C ALA C 200 6.36 16.19 10.63
N LEU C 201 5.24 15.47 10.70
CA LEU C 201 4.16 15.62 9.70
C LEU C 201 3.60 17.07 9.73
N GLY C 202 3.34 17.62 10.91
CA GLY C 202 2.81 18.96 11.02
C GLY C 202 3.76 19.95 10.37
N GLU C 203 5.07 19.80 10.58
CA GLU C 203 6.00 20.75 10.02
C GLU C 203 6.12 20.57 8.49
N ALA C 204 5.89 19.35 7.99
CA ALA C 204 6.04 19.13 6.55
C ALA C 204 4.81 19.65 5.87
N ARG C 205 3.67 19.62 6.55
CA ARG C 205 2.49 20.26 5.95
C ARG C 205 2.66 21.82 5.77
N GLU C 206 3.31 22.53 6.69
CA GLU C 206 3.61 23.94 6.50
C GLU C 206 4.57 24.14 5.33
N VAL C 207 5.60 23.29 5.28
CA VAL C 207 6.52 23.37 4.19
C VAL C 207 5.74 23.21 2.87
N ILE C 208 4.87 22.18 2.77
CA ILE C 208 4.03 21.99 1.57
C ILE C 208 3.13 23.21 1.31
N LYS C 209 2.43 23.73 2.35
CA LYS C 209 1.65 24.97 2.15
C LYS C 209 2.52 26.10 1.58
N ASN C 210 3.69 26.38 2.16
CA ASN C 210 4.61 27.32 1.51
C ASN C 210 4.98 26.98 0.05
N LEU C 211 5.43 25.77 -0.17
CA LEU C 211 5.72 25.39 -1.50
C LEU C 211 4.52 25.67 -2.46
N ALA C 212 3.29 25.35 -2.04
CA ALA C 212 2.11 25.35 -2.97
C ALA C 212 1.55 26.71 -3.21
N SER C 213 1.95 27.65 -2.35
CA SER C 213 1.44 28.99 -2.35
C SER C 213 1.95 29.73 -3.60
N THR C 214 3.05 29.26 -4.17
CA THR C 214 3.52 29.82 -5.42
C THR C 214 3.01 28.99 -6.62
N GLY C 215 2.05 28.10 -6.37
CA GLY C 215 1.53 27.33 -7.47
C GLY C 215 1.92 25.85 -7.44
N PRO C 216 1.35 25.08 -8.37
CA PRO C 216 1.41 23.63 -8.38
C PRO C 216 2.83 23.22 -8.34
N PHE C 217 3.14 22.13 -7.62
CA PHE C 217 4.54 21.69 -7.46
C PHE C 217 4.78 20.26 -7.87
N GLY C 218 6.01 19.94 -8.26
CA GLY C 218 6.37 18.57 -8.58
C GLY C 218 6.96 17.82 -7.39
N LEU C 219 7.20 16.51 -7.55
CA LEU C 219 7.82 15.70 -6.51
C LEU C 219 9.25 16.21 -6.22
N ALA C 220 10.06 16.45 -7.24
CA ALA C 220 11.42 17.01 -7.02
C ALA C 220 11.38 18.31 -6.23
N GLU C 221 10.39 19.16 -6.49
CA GLU C 221 10.42 20.46 -5.84
C GLU C 221 9.96 20.36 -4.40
N ALA C 222 9.20 19.32 -4.09
CA ALA C 222 8.81 19.07 -2.73
C ALA C 222 10.01 18.50 -1.98
N ARG C 223 10.77 17.59 -2.62
CA ARG C 223 11.97 16.99 -2.02
C ARG C 223 12.96 18.14 -1.69
N ASP C 224 13.17 19.08 -2.64
CA ASP C 224 14.03 20.26 -2.39
C ASP C 224 13.57 21.02 -1.15
N ALA C 225 12.27 21.37 -1.14
CA ALA C 225 11.66 22.10 -0.02
C ALA C 225 11.89 21.46 1.35
N LEU C 226 12.05 20.12 1.39
CA LEU C 226 12.15 19.38 2.66
C LEU C 226 13.63 18.96 2.87
N GLY C 227 14.47 19.39 1.94
CA GLY C 227 15.84 18.89 1.89
C GLY C 227 15.90 17.43 2.21
N SER C 228 15.10 16.60 1.55
CA SER C 228 14.97 15.19 1.89
C SER C 228 15.37 14.41 0.63
N SER C 229 14.86 13.20 0.47
CA SER C 229 15.03 12.44 -0.76
C SER C 229 13.75 11.66 -1.27
N ARG C 230 13.77 11.16 -2.50
CA ARG C 230 12.53 10.65 -3.07
C ARG C 230 12.02 9.44 -2.32
N LYS C 231 12.93 8.66 -1.75
CA LYS C 231 12.47 7.54 -0.90
C LYS C 231 11.47 7.96 0.20
N TYR C 232 11.67 9.13 0.84
CA TYR C 232 10.77 9.65 1.88
C TYR C 232 9.65 10.49 1.39
N VAL C 233 9.91 11.39 0.46
CA VAL C 233 8.88 12.33 0.02
C VAL C 233 7.73 11.70 -0.76
N LEU C 234 8.02 10.74 -1.64
CA LEU C 234 6.94 10.07 -2.38
C LEU C 234 5.85 9.49 -1.44
N PRO C 235 6.25 8.59 -0.52
CA PRO C 235 5.21 8.16 0.44
C PRO C 235 4.51 9.26 1.15
N LEU C 236 5.22 10.33 1.55
CA LEU C 236 4.57 11.42 2.23
C LEU C 236 3.44 11.97 1.33
N LEU C 237 3.77 12.36 0.11
CA LEU C 237 2.79 12.96 -0.79
C LEU C 237 1.61 12.02 -1.09
N GLU C 238 1.89 10.78 -1.40
CA GLU C 238 0.79 9.79 -1.57
C GLU C 238 -0.11 9.75 -0.35
N TYR C 239 0.48 9.82 0.85
CA TYR C 239 -0.30 9.87 2.09
C TYR C 239 -1.19 11.11 2.13
N LEU C 240 -0.58 12.28 1.89
CA LEU C 240 -1.31 13.56 1.86
C LEU C 240 -2.41 13.63 0.77
N ASP C 241 -2.28 12.85 -0.30
CA ASP C 241 -3.32 12.76 -1.30
C ASP C 241 -4.54 12.03 -0.70
N GLN C 242 -4.26 10.84 -0.18
CA GLN C 242 -5.25 10.00 0.44
C GLN C 242 -6.08 10.76 1.50
N VAL C 243 -5.47 11.55 2.39
CA VAL C 243 -6.27 12.29 3.40
C VAL C 243 -6.81 13.59 2.80
N LYS C 244 -6.60 13.80 1.51
CA LYS C 244 -7.18 14.97 0.84
C LYS C 244 -6.61 16.33 1.32
N PHE C 245 -5.34 16.32 1.71
CA PHE C 245 -4.67 17.56 2.06
C PHE C 245 -4.09 18.20 0.81
N THR C 246 -3.47 17.40 -0.04
CA THR C 246 -3.07 17.78 -1.39
C THR C 246 -3.91 17.02 -2.42
N ARG C 247 -3.81 17.41 -3.68
CA ARG C 247 -4.50 16.63 -4.68
C ARG C 247 -3.67 16.62 -5.90
N ARG C 248 -3.55 15.44 -6.49
CA ARG C 248 -2.57 15.21 -7.52
C ARG C 248 -3.24 15.31 -8.92
N VAL C 249 -2.54 15.92 -9.87
CA VAL C 249 -3.07 16.18 -11.18
C VAL C 249 -1.89 16.06 -12.21
N GLY C 250 -1.78 14.94 -12.91
CA GLY C 250 -0.64 14.68 -13.77
C GLY C 250 0.58 14.53 -12.87
N ASP C 251 1.68 15.22 -13.20
CA ASP C 251 2.85 15.23 -12.30
C ASP C 251 2.87 16.38 -11.28
N LYS C 252 1.74 17.00 -11.03
CA LYS C 252 1.79 18.18 -10.22
C LYS C 252 0.90 18.03 -9.02
N ARG C 253 1.12 18.82 -7.99
CA ARG C 253 0.13 18.79 -6.92
C ARG C 253 -0.20 20.20 -6.59
N VAL C 254 -1.33 20.35 -5.91
CA VAL C 254 -1.79 21.57 -5.26
C VAL C 254 -2.25 21.20 -3.84
N VAL C 255 -2.47 22.22 -3.03
CA VAL C 255 -3.04 22.05 -1.69
C VAL C 255 -4.57 22.27 -1.77
N VAL C 256 -5.37 21.31 -1.37
CA VAL C 256 -6.80 21.56 -1.48
C VAL C 256 -7.28 22.59 -0.49
N SER D 60 11.77 -16.19 -50.96
CA SER D 60 10.74 -16.88 -50.18
C SER D 60 11.29 -18.13 -49.51
N THR D 61 12.01 -18.95 -50.30
CA THR D 61 13.04 -19.82 -49.76
C THR D 61 14.11 -19.00 -49.02
N GLU D 62 14.91 -18.26 -49.78
CA GLU D 62 16.03 -17.53 -49.21
C GLU D 62 15.61 -16.65 -48.05
N ARG D 63 14.69 -15.72 -48.32
CA ARG D 63 14.25 -14.76 -47.30
C ARG D 63 13.92 -15.44 -45.96
N TYR D 64 13.40 -16.66 -46.02
CA TYR D 64 13.01 -17.43 -44.83
C TYR D 64 14.26 -17.99 -44.11
N GLN D 65 15.14 -18.65 -44.86
CA GLN D 65 16.39 -19.17 -44.30
C GLN D 65 17.26 -18.04 -43.69
N ALA D 66 17.21 -16.86 -44.32
CA ALA D 66 17.94 -15.68 -43.84
C ALA D 66 17.29 -15.10 -42.58
N TRP D 67 15.98 -15.30 -42.44
CA TRP D 67 15.23 -14.81 -41.28
C TRP D 67 15.53 -15.65 -40.05
N TRP D 68 15.70 -16.94 -40.27
CA TRP D 68 15.88 -17.90 -39.21
C TRP D 68 17.25 -17.76 -38.55
N GLN D 69 18.24 -17.34 -39.34
CA GLN D 69 19.60 -17.14 -38.85
C GLN D 69 19.68 -15.80 -38.15
N ALA D 70 18.72 -14.92 -38.41
CA ALA D 70 18.58 -13.72 -37.57
C ALA D 70 18.10 -14.10 -36.17
N VAL D 71 17.10 -14.98 -36.12
CA VAL D 71 16.60 -15.52 -34.86
C VAL D 71 17.71 -16.18 -34.05
N THR D 72 18.39 -17.18 -34.65
CA THR D 72 19.40 -17.91 -33.89
C THR D 72 20.51 -16.99 -33.32
N ARG D 73 21.04 -16.13 -34.13
CA ARG D 73 21.98 -15.16 -33.69
C ARG D 73 21.53 -14.48 -32.43
N ALA D 74 20.30 -13.99 -32.43
CA ALA D 74 19.76 -13.15 -31.35
C ALA D 74 19.51 -13.98 -30.11
N LEU D 75 18.90 -15.15 -30.28
CA LEU D 75 18.64 -16.01 -29.13
C LEU D 75 19.89 -16.62 -28.48
N GLU D 76 20.91 -16.94 -29.29
CA GLU D 76 22.18 -17.42 -28.74
C GLU D 76 22.93 -16.29 -27.99
N GLU D 77 22.86 -15.06 -28.52
CA GLU D 77 23.32 -13.87 -27.82
C GLU D 77 22.59 -13.75 -26.48
N PHE D 78 21.27 -13.97 -26.47
CA PHE D 78 20.48 -13.66 -25.32
C PHE D 78 20.66 -14.73 -24.29
N HIS D 79 20.59 -15.99 -24.73
CA HIS D 79 20.86 -17.13 -23.88
C HIS D 79 22.25 -17.11 -23.23
N SER D 80 23.28 -16.68 -23.92
CA SER D 80 24.56 -16.74 -23.22
C SER D 80 24.68 -15.61 -22.26
N ARG D 81 24.16 -14.42 -22.61
CA ARG D 81 24.15 -13.34 -21.66
C ARG D 81 23.21 -13.63 -20.53
N TYR D 82 22.13 -14.34 -20.81
CA TYR D 82 21.11 -14.48 -19.79
C TYR D 82 20.73 -15.88 -19.41
N PRO D 83 21.70 -16.64 -18.91
CA PRO D 83 21.44 -18.05 -18.66
C PRO D 83 20.37 -18.25 -17.56
N LEU D 84 19.96 -17.18 -16.87
CA LEU D 84 18.93 -17.34 -15.85
C LEU D 84 17.65 -16.57 -16.19
N ARG D 85 17.41 -16.33 -17.49
CA ARG D 85 16.13 -15.86 -18.03
C ARG D 85 15.48 -16.91 -18.92
N PRO D 86 14.14 -16.90 -18.97
CA PRO D 86 13.49 -17.94 -19.77
C PRO D 86 13.77 -17.86 -21.26
N GLY D 87 14.04 -16.66 -21.80
CA GLY D 87 14.31 -16.44 -23.24
C GLY D 87 14.04 -14.98 -23.63
N LEU D 88 14.16 -14.62 -24.92
CA LEU D 88 13.91 -13.22 -25.39
C LEU D 88 12.40 -12.96 -25.40
N ALA D 89 12.01 -11.74 -25.03
CA ALA D 89 10.59 -11.37 -25.11
C ALA D 89 10.09 -11.42 -26.55
N ARG D 90 8.99 -12.12 -26.77
CA ARG D 90 8.42 -12.25 -28.11
C ARG D 90 8.33 -10.91 -28.87
N GLU D 91 7.80 -9.88 -28.20
CA GLU D 91 7.68 -8.56 -28.79
C GLU D 91 9.02 -7.87 -29.05
N GLU D 92 9.96 -7.99 -28.10
CA GLU D 92 11.31 -7.46 -28.28
C GLU D 92 11.95 -8.14 -29.50
N LEU D 93 11.71 -9.44 -29.64
CA LEU D 93 12.16 -10.12 -30.84
C LEU D 93 11.46 -9.53 -32.06
N ARG D 94 10.13 -9.57 -32.09
CA ARG D 94 9.38 -9.12 -33.25
C ARG D 94 9.81 -7.75 -33.75
N SER D 95 9.67 -6.75 -32.90
CA SER D 95 9.99 -5.39 -33.24
C SER D 95 11.47 -5.16 -33.43
N ARG D 96 12.25 -6.24 -33.52
CA ARG D 96 13.69 -6.07 -33.61
C ARG D 96 14.23 -6.53 -34.93
N TYR D 97 13.62 -7.56 -35.49
CA TYR D 97 14.06 -8.11 -36.76
C TYR D 97 12.91 -8.18 -37.75
N PHE D 98 11.69 -8.16 -37.21
CA PHE D 98 10.48 -8.16 -38.01
C PHE D 98 9.65 -6.89 -37.72
N SER D 99 10.37 -5.77 -37.64
CA SER D 99 9.77 -4.45 -37.41
C SER D 99 8.51 -4.20 -38.25
N ARG D 100 8.63 -4.31 -39.56
CA ARG D 100 7.56 -3.97 -40.50
C ARG D 100 6.76 -5.19 -40.98
N LEU D 101 6.16 -5.94 -40.05
CA LEU D 101 5.54 -7.22 -40.41
C LEU D 101 4.18 -7.36 -39.76
N PRO D 102 3.18 -7.88 -40.51
CA PRO D 102 1.82 -8.09 -39.97
C PRO D 102 1.76 -9.06 -38.76
N ALA D 103 1.30 -8.53 -37.62
CA ALA D 103 1.44 -9.19 -36.31
C ALA D 103 0.96 -10.66 -36.19
N ARG D 104 0.25 -11.16 -37.19
CA ARG D 104 -0.26 -12.53 -37.11
C ARG D 104 0.54 -13.54 -37.96
N VAL D 105 1.43 -13.04 -38.81
CA VAL D 105 2.31 -13.94 -39.56
C VAL D 105 3.61 -14.19 -38.80
N TYR D 106 4.06 -13.16 -38.08
CA TYR D 106 5.07 -13.33 -37.04
C TYR D 106 4.58 -14.34 -35.99
N GLN D 107 3.32 -14.25 -35.57
CA GLN D 107 2.73 -15.25 -34.69
C GLN D 107 2.72 -16.60 -35.38
N ALA D 108 2.37 -16.59 -36.67
CA ALA D 108 2.31 -17.82 -37.46
C ALA D 108 3.70 -18.40 -37.59
N LEU D 109 4.67 -17.53 -37.86
CA LEU D 109 6.08 -17.91 -37.97
C LEU D 109 6.51 -18.73 -36.74
N LEU D 110 6.32 -18.15 -35.55
CA LEU D 110 6.79 -18.76 -34.31
C LEU D 110 6.24 -20.16 -34.11
N GLU D 111 4.94 -20.33 -34.28
CA GLU D 111 4.32 -21.61 -33.95
C GLU D 111 4.80 -22.66 -34.94
N GLU D 112 5.16 -22.20 -36.14
CA GLU D 112 5.67 -23.14 -37.13
C GLU D 112 6.98 -23.67 -36.58
N TRP D 113 7.90 -22.74 -36.40
CA TRP D 113 9.20 -23.02 -35.88
C TRP D 113 9.15 -23.88 -34.61
N SER D 114 8.14 -23.68 -33.78
CA SER D 114 7.96 -24.54 -32.60
C SER D 114 7.67 -25.99 -32.98
N ARG D 115 6.85 -26.19 -34.03
CA ARG D 115 6.42 -27.55 -34.44
C ARG D 115 7.58 -28.31 -35.07
N GLU D 116 8.33 -27.59 -35.90
CA GLU D 116 9.64 -28.04 -36.39
C GLU D 116 10.59 -28.35 -35.23
N GLY D 117 10.12 -28.17 -33.98
CA GLY D 117 10.93 -28.42 -32.76
C GLY D 117 12.21 -27.58 -32.69
N ARG D 118 12.15 -26.36 -33.23
CA ARG D 118 13.30 -25.47 -33.27
C ARG D 118 13.23 -24.44 -32.18
N LEU D 119 12.04 -24.01 -31.77
CA LEU D 119 11.90 -23.02 -30.72
C LEU D 119 11.02 -23.58 -29.65
N GLN D 120 11.26 -23.19 -28.41
CA GLN D 120 10.33 -23.39 -27.33
C GLN D 120 9.58 -22.08 -27.11
N LEU D 121 8.27 -22.16 -26.96
CA LEU D 121 7.47 -20.96 -26.76
C LEU D 121 6.81 -20.94 -25.41
N ALA D 122 6.89 -19.79 -24.78
CA ALA D 122 6.15 -19.55 -23.54
C ALA D 122 5.15 -18.39 -23.73
N ALA D 123 4.40 -18.02 -22.69
CA ALA D 123 3.41 -16.97 -22.84
C ALA D 123 4.03 -15.71 -23.36
N ASN D 124 5.09 -15.19 -22.72
CA ASN D 124 5.71 -13.98 -23.29
C ASN D 124 7.18 -13.98 -23.82
N THR D 125 7.85 -15.13 -23.74
CA THR D 125 9.21 -15.26 -24.31
C THR D 125 9.37 -16.47 -25.23
N VAL D 126 10.29 -16.33 -26.17
CA VAL D 126 10.88 -17.43 -26.95
C VAL D 126 12.35 -17.79 -26.63
N ALA D 127 12.67 -19.10 -26.75
CA ALA D 127 14.01 -19.68 -26.57
C ALA D 127 14.25 -20.65 -27.70
N LEU D 128 15.52 -20.91 -28.02
CA LEU D 128 15.93 -22.01 -28.90
C LEU D 128 15.71 -23.28 -28.15
N ALA D 129 15.55 -24.36 -28.88
CA ALA D 129 15.03 -25.59 -28.30
C ALA D 129 16.39 -26.17 -27.85
N GLY D 130 16.52 -26.72 -26.66
CA GLY D 130 17.83 -27.20 -26.27
C GLY D 130 18.18 -26.35 -25.05
N PHE D 131 17.81 -25.06 -25.04
CA PHE D 131 18.14 -24.17 -23.92
C PHE D 131 17.54 -24.54 -22.55
N THR D 132 18.42 -24.62 -21.58
CA THR D 132 18.05 -24.95 -20.20
C THR D 132 18.69 -23.93 -19.24
N PRO D 133 17.85 -23.22 -18.48
CA PRO D 133 18.40 -22.11 -17.69
C PRO D 133 19.41 -22.73 -16.78
N SER D 134 20.43 -22.03 -16.37
CA SER D 134 21.42 -22.76 -15.55
C SER D 134 21.12 -22.78 -14.05
N PHE D 135 19.92 -23.21 -13.71
CA PHE D 135 19.54 -23.34 -12.32
C PHE D 135 20.06 -24.64 -11.74
N SER D 136 20.19 -24.68 -10.42
CA SER D 136 20.42 -25.89 -9.70
C SER D 136 19.27 -26.79 -10.03
N GLU D 137 19.49 -28.05 -9.80
CA GLU D 137 18.47 -29.03 -10.00
C GLU D 137 17.34 -28.92 -8.97
N THR D 138 17.56 -28.24 -7.83
CA THR D 138 16.44 -28.14 -6.87
C THR D 138 15.56 -27.01 -7.35
N GLN D 139 16.21 -25.86 -7.58
CA GLN D 139 15.58 -24.72 -8.21
C GLN D 139 14.73 -25.17 -9.40
N LYS D 140 15.22 -26.11 -10.22
CA LYS D 140 14.47 -26.50 -11.39
C LYS D 140 13.17 -27.21 -11.04
N LYS D 141 13.19 -27.92 -9.91
CA LYS D 141 12.01 -28.64 -9.45
C LYS D 141 11.09 -27.67 -8.71
N LEU D 142 11.71 -26.66 -8.07
CA LEU D 142 11.00 -25.59 -7.39
C LEU D 142 10.08 -24.81 -8.34
N LEU D 143 10.63 -24.50 -9.54
CA LEU D 143 9.90 -23.82 -10.57
C LEU D 143 8.66 -24.57 -10.97
N LYS D 144 8.75 -25.88 -11.15
CA LYS D 144 7.56 -26.62 -11.51
C LYS D 144 6.52 -26.50 -10.41
N ASP D 145 6.97 -26.62 -9.16
CA ASP D 145 6.09 -26.58 -8.01
C ASP D 145 5.45 -25.21 -7.78
N LEU D 146 6.19 -24.16 -8.11
CA LEU D 146 5.65 -22.81 -8.11
C LEU D 146 4.48 -22.66 -9.13
N GLU D 147 4.78 -22.84 -10.41
CA GLU D 147 3.78 -22.71 -11.43
C GLU D 147 2.55 -23.50 -10.98
N ASP D 148 2.76 -24.71 -10.49
CA ASP D 148 1.68 -25.51 -9.97
C ASP D 148 0.89 -24.92 -8.78
N LYS D 149 1.55 -24.56 -7.67
CA LYS D 149 0.77 -24.08 -6.55
C LYS D 149 -0.09 -22.93 -7.03
N TYR D 150 0.48 -22.09 -7.89
CA TYR D 150 -0.20 -20.91 -8.28
C TYR D 150 -1.38 -21.25 -9.15
N ARG D 151 -1.21 -22.23 -10.03
CA ARG D 151 -2.26 -22.53 -10.99
C ARG D 151 -3.51 -23.03 -10.25
N VAL D 152 -3.30 -24.01 -9.35
CA VAL D 152 -4.37 -24.66 -8.62
C VAL D 152 -5.08 -23.61 -7.76
N SER D 153 -4.30 -22.65 -7.30
CA SER D 153 -4.75 -21.62 -6.37
C SER D 153 -5.70 -20.63 -7.07
N ARG D 154 -5.53 -20.48 -8.38
CA ARG D 154 -6.48 -19.72 -9.22
C ARG D 154 -6.72 -18.28 -8.65
N TRP D 155 -7.99 -17.89 -8.42
CA TRP D 155 -8.34 -16.54 -7.88
C TRP D 155 -7.99 -16.32 -6.40
N GLN D 156 -7.42 -17.32 -5.74
CA GLN D 156 -6.98 -17.17 -4.36
C GLN D 156 -5.50 -17.51 -4.18
N PRO D 157 -4.60 -16.80 -4.86
CA PRO D 157 -3.13 -16.98 -4.72
C PRO D 157 -2.67 -16.87 -3.28
N PRO D 158 -1.68 -17.68 -2.85
CA PRO D 158 -1.07 -17.52 -1.54
C PRO D 158 -0.22 -16.23 -1.42
N TRP D 159 -0.07 -15.70 -0.22
CA TRP D 159 0.90 -14.63 -0.04
C TRP D 159 2.31 -15.16 -0.32
N VAL D 160 3.16 -14.32 -0.86
CA VAL D 160 4.59 -14.62 -1.00
C VAL D 160 5.24 -15.27 0.26
N LYS D 161 5.01 -14.70 1.44
CA LYS D 161 5.57 -15.27 2.65
C LYS D 161 4.96 -16.61 3.09
N GLU D 162 3.69 -16.88 2.75
CA GLU D 162 3.19 -18.23 2.96
C GLU D 162 4.10 -19.15 2.15
N VAL D 163 4.47 -18.72 0.94
CA VAL D 163 5.22 -19.57 0.01
C VAL D 163 6.68 -19.67 0.46
N ALA D 164 7.31 -18.50 0.62
CA ALA D 164 8.66 -18.43 1.18
C ALA D 164 8.78 -19.48 2.32
N GLY D 165 7.90 -19.39 3.31
CA GLY D 165 7.87 -20.35 4.42
C GLY D 165 7.59 -21.75 3.93
N SER D 166 6.64 -21.88 3.01
CA SER D 166 6.10 -23.20 2.68
C SER D 166 7.12 -24.15 2.06
N PHE D 167 7.96 -23.61 1.19
CA PHE D 167 8.97 -24.39 0.52
C PHE D 167 10.24 -24.16 1.28
N ASN D 168 10.15 -23.37 2.34
CA ASN D 168 11.31 -23.11 3.20
C ASN D 168 12.43 -22.42 2.39
N LEU D 169 12.26 -21.13 2.12
CA LEU D 169 13.15 -20.45 1.23
C LEU D 169 13.43 -19.05 1.67
N ASP D 170 14.66 -18.63 1.45
CA ASP D 170 15.08 -17.27 1.74
C ASP D 170 14.32 -16.32 0.78
N PRO D 171 13.74 -15.21 1.31
CA PRO D 171 13.17 -14.16 0.49
C PRO D 171 13.79 -14.11 -0.91
N SER D 172 15.03 -13.63 -0.99
CA SER D 172 15.68 -13.35 -2.26
C SER D 172 15.75 -14.54 -3.26
N GLU D 173 15.70 -15.77 -2.79
CA GLU D 173 15.74 -16.86 -3.73
C GLU D 173 14.37 -17.05 -4.39
N LEU D 174 13.32 -16.90 -3.57
CA LEU D 174 11.94 -16.99 -4.08
C LEU D 174 11.64 -15.83 -5.07
N GLU D 175 12.11 -14.64 -4.74
CA GLU D 175 12.05 -13.54 -5.69
C GLU D 175 12.63 -13.96 -7.05
N GLU D 176 13.79 -14.63 -7.03
CA GLU D 176 14.51 -14.89 -8.24
C GLU D 176 13.68 -15.90 -9.08
N LEU D 177 13.20 -16.93 -8.39
CA LEU D 177 12.39 -17.90 -9.05
C LEU D 177 11.10 -17.24 -9.55
N LEU D 178 10.44 -16.44 -8.72
CA LEU D 178 9.16 -15.86 -9.13
C LEU D 178 9.42 -14.92 -10.27
N HIS D 179 10.51 -14.16 -10.19
CA HIS D 179 10.87 -13.25 -11.26
C HIS D 179 11.21 -14.00 -12.57
N TYR D 180 11.75 -15.22 -12.48
CA TYR D 180 12.01 -16.01 -13.68
C TYR D 180 10.67 -16.28 -14.36
N LEU D 181 9.76 -16.91 -13.63
CA LEU D 181 8.36 -17.14 -14.07
C LEU D 181 7.56 -15.90 -14.61
N VAL D 182 7.62 -14.74 -13.93
CA VAL D 182 6.97 -13.53 -14.45
C VAL D 182 7.46 -13.26 -15.86
N ARG D 183 8.77 -13.21 -16.01
CA ARG D 183 9.41 -12.97 -17.30
C ARG D 183 8.92 -13.95 -18.35
N GLU D 184 8.66 -15.19 -17.92
CA GLU D 184 8.27 -16.24 -18.81
C GLU D 184 6.81 -16.04 -19.24
N GLY D 185 6.02 -15.37 -18.40
CA GLY D 185 4.62 -15.19 -18.65
C GLY D 185 3.72 -16.19 -17.94
N VAL D 186 4.28 -17.00 -17.06
CA VAL D 186 3.49 -17.98 -16.33
C VAL D 186 2.81 -17.32 -15.14
N LEU D 187 3.44 -16.26 -14.58
CA LEU D 187 2.85 -15.57 -13.45
C LEU D 187 2.79 -14.11 -13.76
N VAL D 188 1.88 -13.39 -13.13
CA VAL D 188 1.83 -11.92 -13.27
C VAL D 188 1.89 -11.26 -11.91
N LYS D 189 2.68 -10.21 -11.82
CA LYS D 189 2.89 -9.58 -10.53
C LYS D 189 1.76 -8.58 -10.21
N ILE D 190 0.91 -8.93 -9.26
CA ILE D 190 -0.19 -8.05 -8.91
C ILE D 190 0.22 -6.92 -7.98
N ASN D 191 0.81 -7.26 -6.83
CA ASN D 191 1.57 -6.35 -5.99
C ASN D 191 2.78 -7.17 -5.42
N ASP D 192 3.45 -6.73 -4.36
CA ASP D 192 4.67 -7.43 -3.92
C ASP D 192 4.31 -8.67 -3.14
N GLU D 193 3.09 -8.71 -2.62
CA GLU D 193 2.58 -9.84 -1.84
C GLU D 193 1.85 -10.91 -2.74
N PHE D 194 1.35 -10.49 -3.91
CA PHE D 194 0.49 -11.36 -4.72
C PHE D 194 0.90 -11.48 -6.17
N TYR D 195 1.22 -12.71 -6.57
CA TYR D 195 1.41 -13.08 -7.97
C TYR D 195 0.20 -13.90 -8.44
N TRP D 196 -0.23 -13.74 -9.71
CA TRP D 196 -1.33 -14.63 -10.23
C TRP D 196 -0.86 -15.48 -11.38
N HIS D 197 -1.41 -16.67 -11.52
CA HIS D 197 -1.18 -17.45 -12.68
C HIS D 197 -1.84 -16.81 -13.91
N ARG D 198 -1.21 -16.86 -15.10
CA ARG D 198 -1.74 -16.08 -16.20
C ARG D 198 -3.12 -16.54 -16.69
N GLN D 199 -3.35 -17.84 -16.76
CA GLN D 199 -4.68 -18.31 -17.07
C GLN D 199 -5.72 -17.79 -16.07
N ALA D 200 -5.42 -17.88 -14.78
CA ALA D 200 -6.28 -17.36 -13.73
C ALA D 200 -6.64 -15.92 -14.03
N LEU D 201 -5.59 -15.15 -14.34
CA LEU D 201 -5.76 -13.70 -14.44
C LEU D 201 -6.63 -13.36 -15.66
N GLY D 202 -6.34 -14.02 -16.77
CA GLY D 202 -7.15 -13.93 -17.99
C GLY D 202 -8.61 -14.24 -17.66
N GLU D 203 -8.83 -15.31 -16.88
CA GLU D 203 -10.21 -15.57 -16.58
C GLU D 203 -10.91 -14.56 -15.69
N ALA D 204 -10.17 -13.90 -14.81
CA ALA D 204 -10.74 -12.93 -13.88
C ALA D 204 -11.16 -11.72 -14.69
N ARG D 205 -10.31 -11.38 -15.66
CA ARG D 205 -10.51 -10.25 -16.56
C ARG D 205 -11.77 -10.38 -17.42
N GLU D 206 -11.92 -11.53 -18.07
CA GLU D 206 -13.16 -11.93 -18.77
C GLU D 206 -14.35 -11.71 -17.84
N VAL D 207 -14.27 -12.20 -16.60
CA VAL D 207 -15.41 -12.09 -15.73
C VAL D 207 -15.72 -10.62 -15.57
N ILE D 208 -14.68 -9.81 -15.38
CA ILE D 208 -14.86 -8.42 -15.01
C ILE D 208 -15.34 -7.60 -16.20
N LYS D 209 -14.88 -7.97 -17.39
CA LYS D 209 -15.31 -7.25 -18.59
C LYS D 209 -16.81 -7.48 -18.83
N ASN D 210 -17.29 -8.72 -18.69
CA ASN D 210 -18.75 -8.96 -18.63
C ASN D 210 -19.52 -8.19 -17.56
N LEU D 211 -19.07 -8.25 -16.31
CA LEU D 211 -19.66 -7.43 -15.25
C LEU D 211 -19.77 -5.94 -15.63
N ALA D 212 -18.71 -5.39 -16.21
CA ALA D 212 -18.68 -3.95 -16.53
C ALA D 212 -19.47 -3.62 -17.78
N SER D 213 -19.94 -4.60 -18.54
CA SER D 213 -20.62 -4.23 -19.79
C SER D 213 -21.98 -3.57 -19.50
N THR D 214 -22.41 -3.63 -18.24
CA THR D 214 -23.68 -3.08 -17.88
C THR D 214 -23.43 -1.83 -17.08
N GLY D 215 -22.22 -1.35 -17.15
CA GLY D 215 -21.89 -0.13 -16.45
C GLY D 215 -20.87 -0.29 -15.33
N PRO D 216 -20.50 0.84 -14.67
CA PRO D 216 -19.44 0.93 -13.67
C PRO D 216 -19.83 0.06 -12.52
N PHE D 217 -18.82 -0.54 -11.88
CA PHE D 217 -19.03 -1.53 -10.80
C PHE D 217 -18.14 -1.17 -9.63
N GLY D 218 -18.58 -1.56 -8.45
CA GLY D 218 -17.79 -1.37 -7.23
C GLY D 218 -17.08 -2.65 -6.81
N LEU D 219 -16.43 -2.61 -5.65
CA LEU D 219 -15.51 -3.62 -5.27
C LEU D 219 -16.24 -4.86 -4.73
N ALA D 220 -17.26 -4.63 -3.92
CA ALA D 220 -18.18 -5.68 -3.53
C ALA D 220 -18.82 -6.36 -4.76
N GLU D 221 -19.06 -5.60 -5.83
CA GLU D 221 -19.59 -6.23 -7.07
C GLU D 221 -18.59 -7.14 -7.81
N ALA D 222 -17.34 -6.69 -7.96
CA ALA D 222 -16.27 -7.56 -8.42
C ALA D 222 -16.11 -8.78 -7.48
N ARG D 223 -16.19 -8.59 -6.18
CA ARG D 223 -15.95 -9.69 -5.26
C ARG D 223 -17.07 -10.73 -5.41
N ASP D 224 -18.30 -10.26 -5.55
CA ASP D 224 -19.44 -11.16 -5.81
C ASP D 224 -19.31 -12.01 -7.11
N ALA D 225 -18.97 -11.34 -8.24
CA ALA D 225 -18.77 -12.01 -9.51
C ALA D 225 -17.61 -13.03 -9.43
N LEU D 226 -16.49 -12.65 -8.79
CA LEU D 226 -15.29 -13.52 -8.78
C LEU D 226 -15.38 -14.58 -7.67
N GLY D 227 -16.46 -14.60 -6.90
CA GLY D 227 -16.58 -15.54 -5.75
C GLY D 227 -15.41 -15.41 -4.81
N SER D 228 -14.90 -14.19 -4.55
CA SER D 228 -13.57 -14.04 -3.91
C SER D 228 -13.65 -13.27 -2.59
N SER D 229 -12.60 -12.59 -2.18
CA SER D 229 -12.72 -11.68 -1.00
C SER D 229 -11.98 -10.38 -1.18
N ARG D 230 -12.38 -9.36 -0.43
CA ARG D 230 -11.73 -8.02 -0.55
C ARG D 230 -10.20 -8.06 -0.57
N LYS D 231 -9.66 -8.91 0.30
CA LYS D 231 -8.23 -9.27 0.32
C LYS D 231 -7.61 -9.50 -1.02
N TYR D 232 -8.22 -10.35 -1.85
CA TYR D 232 -7.71 -10.65 -3.20
C TYR D 232 -8.14 -9.62 -4.21
N VAL D 233 -9.38 -9.18 -4.10
CA VAL D 233 -9.93 -8.34 -5.12
C VAL D 233 -9.35 -6.94 -5.23
N LEU D 234 -9.27 -6.19 -4.15
CA LEU D 234 -8.70 -4.80 -4.24
C LEU D 234 -7.29 -4.75 -4.91
N PRO D 235 -6.36 -5.61 -4.42
CA PRO D 235 -5.10 -5.57 -5.14
C PRO D 235 -5.32 -5.82 -6.59
N LEU D 236 -6.17 -6.81 -6.94
CA LEU D 236 -6.33 -7.20 -8.38
C LEU D 236 -6.85 -6.05 -9.16
N LEU D 237 -7.85 -5.39 -8.59
CA LEU D 237 -8.43 -4.21 -9.22
C LEU D 237 -7.38 -3.12 -9.39
N GLU D 238 -6.60 -2.89 -8.32
CA GLU D 238 -5.51 -1.87 -8.37
C GLU D 238 -4.49 -2.15 -9.42
N TYR D 239 -4.11 -3.44 -9.54
CA TYR D 239 -3.20 -3.82 -10.63
C TYR D 239 -3.84 -3.54 -12.01
N LEU D 240 -5.11 -3.90 -12.17
CA LEU D 240 -5.86 -3.62 -13.38
C LEU D 240 -5.96 -2.12 -13.68
N ASP D 241 -6.05 -1.27 -12.65
CA ASP D 241 -5.91 0.21 -12.90
C ASP D 241 -4.53 0.57 -13.44
N GLN D 242 -3.48 0.00 -12.86
CA GLN D 242 -2.12 0.24 -13.38
C GLN D 242 -1.94 -0.18 -14.84
N VAL D 243 -2.26 -1.42 -15.20
CA VAL D 243 -2.06 -1.79 -16.59
C VAL D 243 -3.09 -1.16 -17.49
N LYS D 244 -3.94 -0.30 -16.94
CA LYS D 244 -4.86 0.43 -17.84
C LYS D 244 -5.83 -0.55 -18.55
N PHE D 245 -6.45 -1.44 -17.77
CA PHE D 245 -7.37 -2.41 -18.31
C PHE D 245 -8.73 -1.92 -17.86
N THR D 246 -8.86 -1.73 -16.55
CA THR D 246 -10.00 -1.06 -16.00
C THR D 246 -9.47 0.32 -15.81
N ARG D 247 -10.28 1.15 -15.19
CA ARG D 247 -10.18 2.59 -15.21
C ARG D 247 -11.08 3.07 -14.13
N ARG D 248 -10.61 3.80 -13.15
CA ARG D 248 -11.47 4.39 -12.15
C ARG D 248 -12.40 5.46 -12.78
N VAL D 249 -13.64 5.55 -12.27
CA VAL D 249 -14.65 6.48 -12.75
C VAL D 249 -15.49 6.70 -11.55
N GLY D 250 -15.36 7.87 -10.94
CA GLY D 250 -15.91 8.09 -9.59
C GLY D 250 -15.30 7.06 -8.66
N ASP D 251 -16.08 6.52 -7.75
CA ASP D 251 -15.56 5.49 -6.81
C ASP D 251 -16.02 4.05 -7.22
N LYS D 252 -15.98 3.82 -8.54
CA LYS D 252 -16.33 2.56 -9.14
C LYS D 252 -15.37 2.36 -10.30
N ARG D 253 -15.49 1.30 -11.04
CA ARG D 253 -14.59 1.23 -12.15
C ARG D 253 -15.42 0.90 -13.36
N VAL D 254 -14.95 1.34 -14.51
CA VAL D 254 -15.39 0.81 -15.75
C VAL D 254 -14.18 0.15 -16.36
N VAL D 255 -14.37 -0.60 -17.43
CA VAL D 255 -13.31 -1.27 -18.15
C VAL D 255 -13.04 -0.43 -19.40
N VAL D 256 -11.84 0.13 -19.51
CA VAL D 256 -11.52 0.96 -20.67
C VAL D 256 -11.43 0.09 -21.89
N GLY D 257 -10.79 -1.07 -21.74
CA GLY D 257 -10.33 -1.89 -22.87
C GLY D 257 -8.92 -2.45 -22.70
MG MG E . -13.63 -3.56 21.75
MG MG F . -10.74 -10.11 2.71
MG MG G . -4.54 -9.28 8.90
MG MG H . -11.82 -23.36 21.81
MG MG I . -20.50 -11.41 2.40
NA NA J . -9.08 -5.65 30.79
MG MG K . 23.92 -15.12 -12.21
MG MG L . 28.09 -7.13 -13.94
MG MG M . 18.64 14.62 -2.14
MG MG N . 16.30 -3.39 -5.04
MG MG O . 32.46 -18.93 -7.20
MG MG P . -14.24 1.42 20.68
MG MG Q . -1.97 9.48 -5.04
MG MG R . -7.63 -3.05 16.61
MG MG S . -1.27 5.91 0.28
MG MG T . 7.56 23.85 9.98
CA CA U . 2.47 8.73 24.85
CA CA V . -2.69 9.27 28.20
CL CL W . -5.64 18.04 18.30
CL CL X . -4.45 22.84 7.15
CL CL Y . -1.33 15.32 12.02
MG MG Z . 16.90 -7.06 -22.79
MG MG AA . 14.92 -14.22 -14.34
CL CL BA . 11.78 -7.72 -16.01
#